data_2C8V
#
_entry.id   2C8V
#
_cell.length_a   70.900
_cell.length_b   133.300
_cell.length_c   61.500
_cell.angle_alpha   90.00
_cell.angle_beta   90.00
_cell.angle_gamma   90.00
#
_symmetry.space_group_name_H-M   'C 2 2 21'
#
loop_
_entity.id
_entity.type
_entity.pdbx_description
1 polymer 'NITROGENASE IRON PROTEIN 1'
2 non-polymer 'FE2/S2 (INORGANIC) CLUSTER'
3 non-polymer 'MAGNESIUM ION'
4 non-polymer "ADENOSINE-5'-TRIPHOSPHATE"
5 water water
#
_entity_poly.entity_id   1
_entity_poly.type   'polypeptide(L)'
_entity_poly.pdbx_seq_one_letter_code
;AMRQCAIYGKGGIGKSTTTQNLVAALAEMGKKVMIVGCDPKADSTRLILHSKAQNTIMEMAAEAGTVEDLELEDVLKAGY
GGVKCVESGGPEPGVGCAGRGVITAINFLEEEGAYEDDLDFVFYDVGDVVCGGFAMPIRENKAQEIYIVCSGEMMAMYAA
NNISKGIVKYANSGSVRLGGLICNSRNTDREDELIIALANKLGTQMIHFVPRDNVVQRAEIRRMTVIEYDPKAKQADEYR
ALARKVVDNKLLVIPNPITMDELEELLMEFGIMEVEDESIVGKTAEEV
;
_entity_poly.pdbx_strand_id   A
#
loop_
_chem_comp.id
_chem_comp.type
_chem_comp.name
_chem_comp.formula
ATP non-polymer ADENOSINE-5'-TRIPHOSPHATE 'C10 H16 N5 O13 P3'
FES non-polymer 'FE2/S2 (INORGANIC) CLUSTER' 'Fe2 S2'
MG non-polymer 'MAGNESIUM ION' 'Mg 2'
#
# COMPACT_ATOMS: atom_id res chain seq x y z
N ALA A 1 12.60 -7.76 -13.14
CA ALA A 1 11.26 -8.34 -13.10
C ALA A 1 10.32 -7.78 -12.04
N MET A 2 9.04 -8.06 -12.27
CA MET A 2 7.96 -7.58 -11.45
C MET A 2 8.03 -7.93 -9.98
N ARG A 3 8.34 -6.90 -9.20
CA ARG A 3 8.31 -7.01 -7.76
C ARG A 3 6.92 -6.63 -7.30
N GLN A 4 6.22 -7.51 -6.60
CA GLN A 4 4.90 -7.18 -6.12
C GLN A 4 4.89 -6.83 -4.64
N CYS A 5 4.56 -5.57 -4.39
CA CYS A 5 4.53 -5.04 -3.04
C CYS A 5 3.10 -4.73 -2.62
N ALA A 6 2.85 -4.66 -1.31
CA ALA A 6 1.54 -4.38 -0.80
C ALA A 6 1.66 -3.55 0.44
N ILE A 7 0.78 -2.56 0.49
CA ILE A 7 0.76 -1.65 1.61
C ILE A 7 -0.37 -1.99 2.58
N TYR A 8 0.07 -2.26 3.81
CA TYR A 8 -0.84 -2.50 4.91
C TYR A 8 -0.57 -1.50 6.03
N GLY A 9 -1.45 -1.45 7.03
CA GLY A 9 -1.36 -0.52 8.13
C GLY A 9 -2.75 -0.22 8.64
N LYS A 10 -2.83 0.65 9.64
CA LYS A 10 -4.06 1.04 10.29
C LYS A 10 -4.94 2.07 9.56
N GLY A 11 -6.21 2.21 9.95
CA GLY A 11 -7.09 3.15 9.30
C GLY A 11 -6.72 4.62 9.53
N GLY A 12 -6.74 5.44 8.48
CA GLY A 12 -6.43 6.86 8.60
C GLY A 12 -4.96 7.19 8.83
N ILE A 13 -3.96 6.26 8.81
CA ILE A 13 -2.57 6.64 9.03
C ILE A 13 -1.85 7.13 7.79
N GLY A 14 -2.36 6.93 6.57
CA GLY A 14 -1.69 7.48 5.41
C GLY A 14 -1.29 6.46 4.38
N LYS A 15 -1.92 5.28 4.29
CA LYS A 15 -1.59 4.28 3.26
C LYS A 15 -1.86 4.75 1.86
N SER A 16 -2.95 5.44 1.51
CA SER A 16 -3.19 5.80 0.14
C SER A 16 -2.40 7.02 -0.28
N THR A 17 -2.04 7.96 0.62
CA THR A 17 -1.15 9.09 0.28
C THR A 17 0.31 8.64 0.16
N THR A 18 0.80 7.79 1.07
CA THR A 18 2.13 7.23 0.95
C THR A 18 2.23 6.38 -0.31
N THR A 19 1.29 5.46 -0.59
CA THR A 19 1.32 4.61 -1.78
C THR A 19 1.39 5.42 -3.06
N GLN A 20 0.46 6.38 -3.26
CA GLN A 20 0.41 7.19 -4.46
C GLN A 20 1.59 8.13 -4.67
N ASN A 21 2.16 8.62 -3.58
CA ASN A 21 3.31 9.51 -3.68
C ASN A 21 4.59 8.74 -3.91
N LEU A 22 4.73 7.55 -3.33
CA LEU A 22 5.82 6.62 -3.59
C LEU A 22 5.80 6.16 -5.04
N VAL A 23 4.61 5.76 -5.52
CA VAL A 23 4.45 5.32 -6.89
C VAL A 23 4.75 6.45 -7.86
N ALA A 24 4.35 7.71 -7.55
CA ALA A 24 4.65 8.84 -8.42
C ALA A 24 6.13 9.09 -8.55
N ALA A 25 6.89 8.91 -7.45
CA ALA A 25 8.36 9.05 -7.37
C ALA A 25 9.10 7.95 -8.14
N LEU A 26 8.51 6.74 -8.14
CA LEU A 26 8.98 5.58 -8.88
C LEU A 26 8.82 5.78 -10.38
N ALA A 27 7.64 6.29 -10.81
CA ALA A 27 7.34 6.63 -12.20
C ALA A 27 8.22 7.75 -12.76
N GLU A 28 8.59 8.69 -11.87
CA GLU A 28 9.42 9.85 -12.20
C GLU A 28 10.87 9.45 -12.54
N MET A 29 11.39 8.42 -11.86
CA MET A 29 12.75 7.97 -12.12
C MET A 29 12.85 6.92 -13.21
N GLY A 30 11.71 6.50 -13.74
CA GLY A 30 11.73 5.54 -14.82
C GLY A 30 10.95 4.26 -14.58
N LYS A 31 10.72 3.78 -13.34
CA LYS A 31 9.98 2.54 -13.10
C LYS A 31 8.55 2.46 -13.63
N LYS A 32 8.13 1.28 -14.07
CA LYS A 32 6.81 1.10 -14.66
C LYS A 32 5.95 0.39 -13.64
N VAL A 33 4.83 1.04 -13.27
CA VAL A 33 4.04 0.62 -12.12
C VAL A 33 2.56 0.52 -12.44
N MET A 34 1.92 -0.37 -11.66
CA MET A 34 0.48 -0.51 -11.64
C MET A 34 0.03 -0.45 -10.18
N ILE A 35 -0.97 0.38 -9.88
CA ILE A 35 -1.56 0.42 -8.55
C ILE A 35 -2.88 -0.28 -8.75
N VAL A 36 -3.18 -1.18 -7.79
CA VAL A 36 -4.42 -1.91 -7.70
C VAL A 36 -4.95 -1.50 -6.35
N GLY A 37 -6.11 -0.83 -6.33
CA GLY A 37 -6.74 -0.39 -5.11
C GLY A 37 -7.69 -1.46 -4.59
N CYS A 38 -7.49 -1.89 -3.35
CA CYS A 38 -8.30 -2.93 -2.75
C CYS A 38 -9.19 -2.39 -1.64
N ASP A 39 -9.74 -1.18 -1.85
CA ASP A 39 -10.61 -0.58 -0.85
C ASP A 39 -11.95 -0.20 -1.48
N PRO A 40 -13.05 -0.60 -0.78
CA PRO A 40 -14.43 -0.36 -1.12
C PRO A 40 -14.72 1.03 -1.59
N LYS A 41 -14.09 2.03 -0.99
CA LYS A 41 -14.22 3.36 -1.53
C LYS A 41 -12.93 3.57 -2.30
N ALA A 42 -13.20 3.61 -3.60
CA ALA A 42 -12.21 3.87 -4.62
C ALA A 42 -11.43 5.16 -4.39
N ASP A 43 -10.30 5.10 -3.68
CA ASP A 43 -9.49 6.27 -3.43
C ASP A 43 -7.97 6.06 -3.45
N SER A 44 -7.56 4.97 -4.09
CA SER A 44 -6.16 4.58 -4.20
C SER A 44 -5.52 5.11 -5.46
N THR A 45 -6.32 5.58 -6.41
CA THR A 45 -5.80 6.04 -7.69
C THR A 45 -6.16 7.48 -8.03
N ARG A 46 -6.83 8.22 -7.13
CA ARG A 46 -7.30 9.58 -7.42
C ARG A 46 -6.25 10.67 -7.71
N LEU A 47 -5.13 10.61 -6.98
CA LEU A 47 -4.04 11.57 -7.08
C LEU A 47 -3.13 11.29 -8.27
N ILE A 48 -3.14 10.04 -8.74
CA ILE A 48 -2.43 9.61 -9.94
C ILE A 48 -3.29 9.86 -11.18
N LEU A 49 -4.60 9.60 -11.10
CA LEU A 49 -5.50 9.81 -12.23
C LEU A 49 -6.18 11.17 -12.29
N HIS A 50 -6.09 11.96 -11.22
CA HIS A 50 -6.72 13.27 -11.09
C HIS A 50 -8.23 13.11 -11.28
N SER A 51 -8.71 11.94 -10.83
CA SER A 51 -10.10 11.61 -11.00
C SER A 51 -10.86 11.93 -9.74
N LYS A 52 -12.17 11.95 -9.93
CA LYS A 52 -13.11 12.17 -8.85
C LYS A 52 -13.15 10.93 -7.98
N ALA A 53 -12.92 9.78 -8.64
CA ALA A 53 -12.86 8.41 -8.12
C ALA A 53 -12.81 7.52 -9.34
N GLN A 54 -12.11 6.38 -9.31
CA GLN A 54 -12.05 5.51 -10.48
C GLN A 54 -13.18 4.49 -10.47
N ASN A 55 -13.64 4.17 -11.69
CA ASN A 55 -14.69 3.19 -11.90
C ASN A 55 -14.21 1.77 -11.69
N THR A 56 -14.69 1.25 -10.56
CA THR A 56 -14.34 -0.08 -10.07
C THR A 56 -14.79 -1.27 -10.91
N ILE A 57 -14.08 -2.40 -10.70
CA ILE A 57 -14.38 -3.67 -11.35
C ILE A 57 -15.67 -4.19 -10.75
N MET A 58 -15.86 -3.98 -9.44
CA MET A 58 -17.10 -4.33 -8.77
C MET A 58 -18.21 -3.27 -8.88
N GLU A 59 -18.13 -2.38 -9.89
CA GLU A 59 -19.20 -1.46 -10.29
C GLU A 59 -19.20 -1.35 -11.83
N MET A 60 -18.74 -2.44 -12.44
CA MET A 60 -18.72 -2.67 -13.88
C MET A 60 -18.92 -4.16 -14.16
N ALA A 61 -19.07 -4.94 -13.06
CA ALA A 61 -19.41 -6.36 -13.08
C ALA A 61 -20.80 -6.55 -12.46
N ALA A 62 -21.30 -5.62 -11.62
CA ALA A 62 -22.66 -5.68 -11.12
C ALA A 62 -23.55 -4.75 -11.94
N GLU A 63 -22.93 -3.70 -12.52
CA GLU A 63 -23.57 -2.72 -13.40
C GLU A 63 -23.86 -3.39 -14.73
N ALA A 64 -22.83 -4.04 -15.28
CA ALA A 64 -22.97 -4.81 -16.49
C ALA A 64 -23.43 -6.24 -16.20
N GLY A 65 -23.56 -6.61 -14.91
CA GLY A 65 -24.06 -7.92 -14.45
C GLY A 65 -23.36 -9.11 -15.10
N THR A 66 -22.03 -9.09 -15.18
CA THR A 66 -21.27 -10.11 -15.87
C THR A 66 -20.86 -11.31 -15.04
N VAL A 67 -20.13 -12.19 -15.74
CA VAL A 67 -19.52 -13.38 -15.15
C VAL A 67 -18.07 -13.30 -15.61
N GLU A 68 -17.90 -13.10 -16.93
CA GLU A 68 -16.59 -12.99 -17.55
C GLU A 68 -16.59 -11.99 -18.71
N ASP A 69 -17.59 -11.10 -18.76
CA ASP A 69 -17.73 -10.17 -19.89
C ASP A 69 -17.35 -8.70 -19.68
N LEU A 70 -16.08 -8.42 -19.35
CA LEU A 70 -15.64 -7.03 -19.16
C LEU A 70 -14.22 -6.86 -19.65
N GLU A 71 -13.98 -5.69 -20.24
CA GLU A 71 -12.69 -5.30 -20.83
C GLU A 71 -11.75 -4.59 -19.87
N LEU A 72 -10.45 -4.86 -20.03
CA LEU A 72 -9.40 -4.33 -19.17
C LEU A 72 -9.18 -2.83 -19.32
N GLU A 73 -9.40 -2.28 -20.52
CA GLU A 73 -9.25 -0.85 -20.75
C GLU A 73 -10.37 -0.05 -20.09
N ASP A 74 -11.41 -0.72 -19.60
CA ASP A 74 -12.51 -0.08 -18.89
C ASP A 74 -12.28 0.01 -17.39
N VAL A 75 -11.18 -0.56 -16.88
CA VAL A 75 -10.82 -0.46 -15.48
C VAL A 75 -9.34 -0.16 -15.28
N LEU A 76 -8.51 -0.27 -16.32
CA LEU A 76 -7.09 0.04 -16.21
C LEU A 76 -6.85 1.29 -17.05
N LYS A 77 -6.76 2.41 -16.31
CA LYS A 77 -6.50 3.72 -16.90
C LYS A 77 -5.13 4.23 -16.49
N ALA A 78 -4.38 4.85 -17.41
CA ALA A 78 -3.04 5.39 -17.15
C ALA A 78 -3.10 6.83 -16.65
N GLY A 79 -2.26 7.24 -15.71
CA GLY A 79 -2.28 8.59 -15.18
C GLY A 79 -0.89 9.19 -15.18
N TYR A 80 -0.56 9.94 -14.11
CA TYR A 80 0.74 10.60 -14.00
C TYR A 80 1.89 9.60 -14.12
N GLY A 81 2.95 10.02 -14.81
CA GLY A 81 4.17 9.25 -15.03
C GLY A 81 3.87 7.96 -15.77
N GLY A 82 2.71 7.86 -16.46
CA GLY A 82 2.29 6.65 -17.13
C GLY A 82 1.86 5.53 -16.16
N VAL A 83 1.55 5.79 -14.87
CA VAL A 83 1.14 4.77 -13.90
C VAL A 83 -0.23 4.24 -14.28
N LYS A 84 -0.33 2.91 -14.25
CA LYS A 84 -1.54 2.21 -14.59
C LYS A 84 -2.37 2.01 -13.33
N CYS A 85 -3.68 2.26 -13.40
CA CYS A 85 -4.51 2.22 -12.23
C CYS A 85 -5.72 1.37 -12.41
N VAL A 86 -5.95 0.54 -11.40
CA VAL A 86 -7.05 -0.41 -11.34
C VAL A 86 -7.66 -0.16 -9.97
N GLU A 87 -8.97 -0.31 -9.95
CA GLU A 87 -9.71 -0.10 -8.74
C GLU A 87 -10.66 -1.28 -8.61
N SER A 88 -10.48 -2.05 -7.52
CA SER A 88 -11.31 -3.21 -7.23
C SER A 88 -12.66 -2.76 -6.71
N GLY A 89 -12.61 -2.00 -5.60
CA GLY A 89 -13.80 -1.56 -4.89
C GLY A 89 -14.50 -2.70 -4.13
N GLY A 90 -15.61 -2.35 -3.49
CA GLY A 90 -16.42 -3.37 -2.83
C GLY A 90 -17.62 -3.66 -3.71
N PRO A 91 -18.54 -4.55 -3.28
CA PRO A 91 -19.96 -4.41 -3.59
C PRO A 91 -20.60 -3.26 -2.80
N GLU A 92 -19.96 -2.10 -2.95
CA GLU A 92 -20.29 -0.85 -2.30
C GLU A 92 -21.73 -0.33 -2.50
N PRO A 93 -22.45 -0.20 -3.64
CA PRO A 93 -23.91 -0.02 -3.66
C PRO A 93 -24.67 -1.32 -3.42
N GLY A 94 -24.00 -2.46 -3.65
CA GLY A 94 -24.56 -3.78 -3.41
C GLY A 94 -24.45 -4.17 -1.94
N VAL A 95 -24.44 -5.49 -1.75
CA VAL A 95 -24.45 -6.07 -0.41
C VAL A 95 -23.31 -7.10 -0.24
N GLY A 96 -22.71 -7.13 0.96
CA GLY A 96 -21.70 -8.13 1.30
C GLY A 96 -20.49 -7.58 2.05
N CYS A 97 -19.34 -8.16 1.68
CA CYS A 97 -18.03 -7.78 2.22
C CYS A 97 -17.09 -7.45 1.06
N ALA A 98 -16.06 -6.62 1.31
CA ALA A 98 -15.01 -6.35 0.32
C ALA A 98 -14.12 -7.59 0.33
N GLY A 99 -12.83 -7.65 0.74
CA GLY A 99 -12.03 -8.88 0.81
C GLY A 99 -11.99 -9.70 -0.47
N ARG A 100 -13.09 -10.44 -0.65
CA ARG A 100 -13.44 -11.23 -1.82
C ARG A 100 -13.48 -10.40 -3.09
N GLY A 101 -13.77 -9.08 -2.95
CA GLY A 101 -13.80 -8.13 -4.07
C GLY A 101 -12.45 -7.95 -4.74
N VAL A 102 -11.40 -8.12 -3.92
CA VAL A 102 -10.00 -8.06 -4.34
C VAL A 102 -9.65 -9.34 -5.10
N ILE A 103 -10.25 -10.46 -4.67
CA ILE A 103 -10.04 -11.74 -5.29
C ILE A 103 -10.65 -11.68 -6.68
N THR A 104 -11.91 -11.23 -6.80
CA THR A 104 -12.53 -11.07 -8.12
C THR A 104 -12.17 -9.72 -8.70
N ALA A 105 -10.84 -9.47 -8.72
CA ALA A 105 -10.24 -8.28 -9.25
C ALA A 105 -8.82 -8.56 -9.73
N ILE A 106 -7.94 -9.18 -8.91
CA ILE A 106 -6.61 -9.53 -9.39
C ILE A 106 -6.63 -10.86 -10.18
N ASN A 107 -7.77 -11.58 -10.09
CA ASN A 107 -8.04 -12.76 -10.92
C ASN A 107 -8.44 -12.25 -12.29
N PHE A 108 -9.28 -11.20 -12.31
CA PHE A 108 -9.66 -10.52 -13.55
C PHE A 108 -8.41 -10.02 -14.25
N LEU A 109 -7.52 -9.34 -13.52
CA LEU A 109 -6.32 -8.77 -14.09
C LEU A 109 -5.41 -9.80 -14.70
N GLU A 110 -5.29 -10.94 -14.01
CA GLU A 110 -4.51 -12.09 -14.46
C GLU A 110 -5.03 -12.66 -15.78
N GLU A 111 -6.36 -12.87 -15.81
CA GLU A 111 -7.06 -13.38 -16.97
C GLU A 111 -7.03 -12.45 -18.18
N GLU A 112 -7.08 -11.13 -17.93
CA GLU A 112 -7.05 -10.14 -18.99
C GLU A 112 -5.65 -9.75 -19.43
N GLY A 113 -4.64 -10.27 -18.74
CA GLY A 113 -3.24 -10.05 -19.07
C GLY A 113 -2.80 -8.63 -18.79
N ALA A 114 -2.85 -8.23 -17.52
CA ALA A 114 -2.44 -6.90 -17.08
C ALA A 114 -1.00 -6.83 -16.56
N TYR A 115 -0.51 -8.00 -16.14
CA TYR A 115 0.83 -8.19 -15.61
C TYR A 115 1.83 -8.41 -16.75
N GLU A 116 2.15 -7.32 -17.46
CA GLU A 116 3.02 -7.41 -18.62
C GLU A 116 4.51 -7.30 -18.34
N ASP A 117 5.25 -7.78 -19.36
CA ASP A 117 6.70 -7.88 -19.41
C ASP A 117 7.56 -6.74 -18.89
N ASP A 118 7.14 -5.49 -19.15
CA ASP A 118 7.92 -4.38 -18.68
C ASP A 118 7.34 -3.68 -17.45
N LEU A 119 6.67 -4.42 -16.56
CA LEU A 119 6.17 -3.87 -15.32
C LEU A 119 7.20 -4.16 -14.24
N ASP A 120 7.62 -3.10 -13.54
CA ASP A 120 8.59 -3.17 -12.47
C ASP A 120 7.99 -3.45 -11.11
N PHE A 121 6.81 -2.87 -10.80
CA PHE A 121 6.14 -3.00 -9.49
C PHE A 121 4.64 -3.07 -9.59
N VAL A 122 4.01 -3.75 -8.64
CA VAL A 122 2.56 -3.71 -8.55
C VAL A 122 2.32 -3.47 -7.08
N PHE A 123 1.66 -2.34 -6.81
CA PHE A 123 1.30 -1.95 -5.45
C PHE A 123 -0.18 -2.12 -5.26
N TYR A 124 -0.44 -2.83 -4.18
CA TYR A 124 -1.80 -3.09 -3.78
C TYR A 124 -2.01 -2.20 -2.58
N ASP A 125 -3.14 -1.48 -2.57
CA ASP A 125 -3.52 -0.69 -1.42
C ASP A 125 -4.75 -1.36 -0.77
N VAL A 126 -4.34 -2.26 0.13
CA VAL A 126 -5.20 -3.17 0.88
C VAL A 126 -5.69 -2.50 2.15
N GLY A 127 -5.62 -3.12 3.34
CA GLY A 127 -6.08 -2.51 4.58
C GLY A 127 -5.33 -2.93 5.83
N ASP A 128 -6.02 -3.63 6.73
CA ASP A 128 -5.47 -4.01 8.03
C ASP A 128 -5.25 -5.48 8.34
N VAL A 129 -5.30 -6.38 7.35
CA VAL A 129 -5.28 -7.84 7.59
C VAL A 129 -4.62 -8.66 6.49
N VAL A 130 -3.72 -9.61 6.80
CA VAL A 130 -3.16 -10.46 5.75
C VAL A 130 -3.86 -11.82 5.83
N CYS A 131 -5.20 -11.74 5.71
CA CYS A 131 -6.10 -12.89 5.83
C CYS A 131 -7.07 -13.01 4.67
N GLY A 132 -7.14 -14.25 4.18
CA GLY A 132 -8.07 -14.68 3.14
C GLY A 132 -8.12 -13.89 1.85
N GLY A 133 -9.22 -13.12 1.80
CA GLY A 133 -9.57 -12.25 0.68
C GLY A 133 -8.57 -11.14 0.43
N PHE A 134 -8.28 -10.42 1.51
CA PHE A 134 -7.28 -9.38 1.52
C PHE A 134 -5.85 -9.93 1.49
N ALA A 135 -5.67 -11.25 1.52
CA ALA A 135 -4.35 -11.84 1.45
C ALA A 135 -4.09 -12.48 0.11
N MET A 136 -5.02 -12.49 -0.86
CA MET A 136 -4.69 -13.04 -2.19
C MET A 136 -3.90 -12.03 -3.03
N PRO A 137 -3.88 -10.71 -2.73
CA PRO A 137 -2.74 -9.83 -2.98
C PRO A 137 -1.38 -10.22 -2.40
N ILE A 138 -1.28 -11.38 -1.74
CA ILE A 138 -0.04 -11.88 -1.16
C ILE A 138 0.19 -13.35 -1.55
N ARG A 139 -0.77 -14.04 -2.19
CA ARG A 139 -0.65 -15.45 -2.52
C ARG A 139 0.53 -15.88 -3.41
N GLU A 140 0.66 -17.19 -3.67
CA GLU A 140 1.72 -17.81 -4.47
C GLU A 140 2.33 -17.09 -5.68
N ASN A 141 1.50 -16.58 -6.61
CA ASN A 141 1.95 -15.89 -7.82
C ASN A 141 1.76 -14.36 -7.71
N LYS A 142 1.58 -13.89 -6.47
CA LYS A 142 1.29 -12.50 -6.16
C LYS A 142 2.36 -11.83 -5.30
N ALA A 143 2.04 -10.85 -4.45
CA ALA A 143 3.05 -10.15 -3.66
C ALA A 143 3.95 -10.84 -2.66
N GLN A 144 5.23 -10.54 -2.90
CA GLN A 144 6.34 -11.01 -2.11
C GLN A 144 6.70 -10.07 -0.96
N GLU A 145 6.28 -8.79 -0.99
CA GLU A 145 6.79 -7.78 -0.05
C GLU A 145 5.70 -6.94 0.54
N ILE A 146 5.78 -6.72 1.85
CA ILE A 146 4.77 -5.97 2.61
C ILE A 146 5.47 -4.88 3.35
N TYR A 147 4.95 -3.66 3.28
CA TYR A 147 5.51 -2.56 4.04
C TYR A 147 4.36 -2.03 4.89
N ILE A 148 4.63 -1.88 6.19
CA ILE A 148 3.61 -1.40 7.10
C ILE A 148 3.74 0.08 7.44
N VAL A 149 2.73 0.89 7.11
CA VAL A 149 2.74 2.29 7.48
C VAL A 149 2.19 2.35 8.92
N CYS A 150 2.94 2.97 9.83
CA CYS A 150 2.55 3.11 11.22
C CYS A 150 3.02 4.44 11.77
N SER A 151 2.75 4.70 13.05
CA SER A 151 3.19 5.94 13.68
C SER A 151 3.37 5.74 15.18
N GLY A 152 3.70 6.83 15.89
CA GLY A 152 3.98 6.84 17.33
C GLY A 152 2.86 6.42 18.27
N GLU A 153 1.57 6.32 17.86
CA GLU A 153 0.49 5.96 18.78
C GLU A 153 0.39 4.48 19.04
N MET A 154 -0.31 4.21 20.12
CA MET A 154 -0.52 2.85 20.57
C MET A 154 -1.28 2.02 19.55
N MET A 155 -2.33 2.55 18.91
CA MET A 155 -3.13 1.78 17.97
C MET A 155 -2.51 1.56 16.59
N ALA A 156 -1.61 2.47 16.17
CA ALA A 156 -0.88 2.29 14.92
C ALA A 156 0.19 1.21 15.09
N MET A 157 0.90 1.22 16.22
CA MET A 157 1.90 0.20 16.53
C MET A 157 1.32 -1.20 16.73
N TYR A 158 0.18 -1.28 17.44
CA TYR A 158 -0.58 -2.50 17.68
C TYR A 158 -1.09 -3.13 16.39
N ALA A 159 -1.45 -2.26 15.43
CA ALA A 159 -1.85 -2.70 14.10
C ALA A 159 -0.65 -3.28 13.35
N ALA A 160 0.54 -2.63 13.43
CA ALA A 160 1.77 -3.11 12.78
C ALA A 160 2.17 -4.51 13.28
N ASN A 161 2.05 -4.70 14.59
CA ASN A 161 2.37 -5.97 15.23
C ASN A 161 1.40 -7.07 14.85
N ASN A 162 0.11 -6.76 14.70
CA ASN A 162 -0.89 -7.77 14.32
C ASN A 162 -0.89 -8.12 12.84
N ILE A 163 -0.58 -7.14 11.98
CA ILE A 163 -0.38 -7.40 10.55
C ILE A 163 0.83 -8.34 10.46
N SER A 164 1.88 -8.06 11.25
CA SER A 164 3.10 -8.87 11.29
C SER A 164 2.85 -10.29 11.75
N LYS A 165 1.83 -10.50 12.62
CA LYS A 165 1.40 -11.83 13.05
C LYS A 165 0.73 -12.56 11.90
N GLY A 166 -0.05 -11.83 11.10
CA GLY A 166 -0.69 -12.39 9.91
C GLY A 166 0.31 -12.75 8.83
N ILE A 167 1.48 -12.09 8.82
CA ILE A 167 2.54 -12.37 7.86
C ILE A 167 3.28 -13.63 8.30
N VAL A 168 3.57 -13.91 9.59
CA VAL A 168 4.23 -15.17 9.95
C VAL A 168 3.28 -16.34 9.77
N LYS A 169 1.99 -16.04 9.94
CA LYS A 169 0.92 -16.98 9.76
C LYS A 169 0.29 -16.72 8.39
N TYR A 170 1.15 -16.56 7.37
CA TYR A 170 0.69 -16.54 5.99
C TYR A 170 0.54 -18.03 5.69
N ALA A 171 -0.48 -18.43 4.89
CA ALA A 171 -0.90 -19.83 4.71
C ALA A 171 0.15 -20.93 4.80
N ASN A 172 0.80 -21.31 3.70
CA ASN A 172 1.84 -22.31 3.74
C ASN A 172 3.11 -21.61 3.25
N SER A 173 4.29 -22.25 3.44
CA SER A 173 5.57 -21.68 3.06
C SER A 173 5.79 -21.50 1.57
N GLY A 174 5.24 -20.35 1.18
CA GLY A 174 5.39 -19.80 -0.14
C GLY A 174 6.47 -18.75 0.07
N SER A 175 6.14 -17.46 -0.06
CA SER A 175 7.14 -16.41 0.16
C SER A 175 6.55 -15.00 0.24
N VAL A 176 5.73 -14.72 1.26
CA VAL A 176 5.21 -13.37 1.44
C VAL A 176 5.96 -12.84 2.66
N ARG A 177 6.66 -11.70 2.50
CA ARG A 177 7.54 -11.22 3.57
C ARG A 177 7.31 -9.80 4.04
N LEU A 178 8.07 -9.32 5.02
CA LEU A 178 7.95 -7.96 5.50
C LEU A 178 9.22 -7.20 5.12
N GLY A 179 9.04 -6.18 4.28
CA GLY A 179 10.12 -5.36 3.77
C GLY A 179 10.52 -4.20 4.68
N GLY A 180 9.65 -3.76 5.58
CA GLY A 180 9.99 -2.66 6.45
C GLY A 180 8.77 -1.93 6.94
N LEU A 181 9.05 -0.99 7.84
CA LEU A 181 8.08 -0.12 8.48
C LEU A 181 8.23 1.32 7.99
N ILE A 182 7.24 1.83 7.26
CA ILE A 182 7.24 3.21 6.83
C ILE A 182 6.58 3.98 7.97
N CYS A 183 7.28 4.83 8.70
CA CYS A 183 6.67 5.62 9.75
C CYS A 183 6.13 6.94 9.22
N ASN A 184 4.81 7.13 9.20
CA ASN A 184 4.29 8.39 8.72
C ASN A 184 4.08 9.30 9.91
N SER A 185 4.95 10.32 9.97
CA SER A 185 5.03 11.27 11.07
C SER A 185 3.76 11.89 11.60
N ARG A 186 3.96 12.24 12.86
CA ARG A 186 2.92 12.78 13.69
C ARG A 186 3.48 13.54 14.91
N ASN A 187 4.73 13.30 15.34
CA ASN A 187 5.33 13.93 16.52
C ASN A 187 6.57 14.77 16.15
N THR A 188 7.83 14.34 16.44
CA THR A 188 9.14 15.00 16.16
C THR A 188 10.29 13.96 16.14
N ASP A 189 11.44 14.11 16.85
CA ASP A 189 12.58 13.18 16.76
C ASP A 189 12.67 12.13 17.89
N ARG A 190 11.53 11.77 18.51
CA ARG A 190 11.51 10.67 19.46
C ARG A 190 10.64 9.57 18.87
N GLU A 191 9.71 9.96 17.98
CA GLU A 191 8.79 9.04 17.33
C GLU A 191 9.52 8.10 16.38
N ASP A 192 10.55 8.61 15.66
CA ASP A 192 11.34 7.77 14.78
C ASP A 192 12.17 6.71 15.53
N GLU A 193 12.61 7.06 16.74
CA GLU A 193 13.31 6.12 17.62
C GLU A 193 12.38 5.04 18.17
N LEU A 194 11.06 5.31 18.25
CA LEU A 194 10.08 4.34 18.68
C LEU A 194 9.82 3.30 17.61
N ILE A 195 9.72 3.75 16.36
CA ILE A 195 9.43 2.84 15.24
C ILE A 195 10.65 2.00 14.92
N ILE A 196 11.85 2.60 15.06
CA ILE A 196 13.10 1.88 14.89
C ILE A 196 13.20 0.81 15.98
N ALA A 197 12.91 1.13 17.25
CA ALA A 197 12.91 0.16 18.32
C ALA A 197 11.91 -0.98 18.14
N LEU A 198 10.75 -0.73 17.53
CA LEU A 198 9.78 -1.80 17.27
C LEU A 198 10.31 -2.67 16.15
N ALA A 199 10.86 -2.01 15.11
CA ALA A 199 11.36 -2.66 13.92
C ALA A 199 12.47 -3.65 14.25
N ASN A 200 13.41 -3.20 15.07
CA ASN A 200 14.52 -4.04 15.51
C ASN A 200 13.94 -5.21 16.27
N LYS A 201 12.90 -5.00 17.09
CA LYS A 201 12.24 -6.08 17.81
C LYS A 201 11.51 -7.04 16.88
N LEU A 202 10.98 -6.57 15.74
CA LEU A 202 10.30 -7.44 14.79
C LEU A 202 11.26 -8.06 13.78
N GLY A 203 12.53 -7.61 13.78
CA GLY A 203 13.54 -8.08 12.85
C GLY A 203 13.51 -7.34 11.52
N THR A 204 12.82 -6.17 11.41
CA THR A 204 12.83 -5.36 10.19
C THR A 204 13.61 -4.08 10.41
N GLN A 205 13.34 -3.10 9.52
CA GLN A 205 13.90 -1.77 9.53
C GLN A 205 12.76 -0.74 9.46
N MET A 206 13.05 0.54 9.82
CA MET A 206 12.13 1.61 9.52
C MET A 206 12.78 2.13 8.25
N ILE A 207 12.20 1.74 7.11
CA ILE A 207 12.78 2.05 5.82
C ILE A 207 12.77 3.52 5.47
N HIS A 208 11.90 4.33 6.12
CA HIS A 208 11.90 5.78 5.95
C HIS A 208 10.96 6.43 6.92
N PHE A 209 11.36 7.59 7.42
CA PHE A 209 10.50 8.44 8.24
C PHE A 209 9.89 9.52 7.29
N VAL A 210 8.59 9.48 7.04
CA VAL A 210 7.93 10.46 6.17
C VAL A 210 7.44 11.65 7.01
N PRO A 211 7.89 12.91 6.87
CA PRO A 211 7.39 14.06 7.64
C PRO A 211 5.94 14.41 7.38
N ARG A 212 5.36 15.12 8.34
CA ARG A 212 4.02 15.61 8.22
C ARG A 212 4.14 17.00 7.67
N ASP A 213 3.67 17.19 6.45
CA ASP A 213 3.79 18.46 5.79
C ASP A 213 2.48 18.83 5.09
N ASN A 214 2.10 20.10 5.22
CA ASN A 214 0.88 20.58 4.62
C ASN A 214 0.84 20.59 3.10
N VAL A 215 1.99 20.59 2.38
CA VAL A 215 2.00 20.44 0.92
C VAL A 215 1.14 19.23 0.54
N VAL A 216 1.06 18.20 1.40
CA VAL A 216 0.28 17.03 1.11
C VAL A 216 -1.16 17.42 0.93
N GLN A 217 -1.69 18.24 1.83
CA GLN A 217 -3.08 18.65 1.69
C GLN A 217 -3.33 19.60 0.53
N ARG A 218 -2.34 20.45 0.23
CA ARG A 218 -2.41 21.36 -0.92
C ARG A 218 -2.42 20.67 -2.27
N ALA A 219 -1.66 19.58 -2.36
CA ALA A 219 -1.54 18.78 -3.56
C ALA A 219 -2.78 17.98 -3.80
N GLU A 220 -3.35 17.42 -2.72
CA GLU A 220 -4.51 16.60 -2.89
C GLU A 220 -5.84 17.30 -2.95
N ILE A 221 -6.00 18.56 -2.51
CA ILE A 221 -7.25 19.26 -2.81
C ILE A 221 -7.27 19.56 -4.32
N ARG A 222 -6.08 19.59 -4.92
CA ARG A 222 -5.85 19.78 -6.33
C ARG A 222 -5.69 18.45 -7.05
N ARG A 223 -6.03 17.36 -6.35
CA ARG A 223 -5.99 15.97 -6.83
C ARG A 223 -4.70 15.40 -7.42
N MET A 224 -3.61 15.72 -6.74
CA MET A 224 -2.30 15.28 -7.20
C MET A 224 -1.45 14.81 -6.03
N THR A 225 -0.33 14.21 -6.44
CA THR A 225 0.72 13.79 -5.53
C THR A 225 1.64 14.99 -5.33
N VAL A 226 2.48 14.98 -4.29
CA VAL A 226 3.40 16.07 -4.02
C VAL A 226 4.48 16.08 -5.12
N ILE A 227 4.86 14.93 -5.69
CA ILE A 227 5.84 14.85 -6.77
C ILE A 227 5.31 15.58 -8.02
N GLU A 228 4.01 15.54 -8.31
CA GLU A 228 3.46 16.22 -9.48
C GLU A 228 3.18 17.68 -9.23
N TYR A 229 2.42 17.98 -8.16
CA TYR A 229 2.05 19.33 -7.79
C TYR A 229 3.26 20.17 -7.43
N ASP A 230 4.22 19.67 -6.66
CA ASP A 230 5.34 20.51 -6.24
C ASP A 230 6.63 19.71 -6.16
N PRO A 231 7.32 19.53 -7.31
CA PRO A 231 8.48 18.67 -7.41
C PRO A 231 9.68 19.08 -6.56
N LYS A 232 9.78 20.38 -6.28
CA LYS A 232 10.92 20.97 -5.57
C LYS A 232 10.74 21.04 -4.06
N ALA A 233 9.57 20.68 -3.52
CA ALA A 233 9.33 20.68 -2.09
C ALA A 233 10.21 19.67 -1.38
N LYS A 234 10.54 19.92 -0.11
CA LYS A 234 11.34 18.99 0.66
C LYS A 234 10.65 17.63 0.87
N GLN A 235 9.30 17.63 0.91
CA GLN A 235 8.46 16.45 1.07
C GLN A 235 8.48 15.55 -0.16
N ALA A 236 8.63 16.17 -1.34
CA ALA A 236 8.76 15.46 -2.60
C ALA A 236 10.05 14.64 -2.59
N ASP A 237 11.12 15.24 -2.07
CA ASP A 237 12.38 14.55 -1.89
C ASP A 237 12.33 13.46 -0.82
N GLU A 238 11.30 13.48 0.02
CA GLU A 238 11.07 12.50 1.06
C GLU A 238 10.49 11.25 0.48
N TYR A 239 9.55 11.40 -0.45
CA TYR A 239 8.99 10.26 -1.14
C TYR A 239 9.96 9.73 -2.19
N ARG A 240 10.87 10.56 -2.74
CA ARG A 240 11.91 10.04 -3.64
C ARG A 240 12.97 9.23 -2.91
N ALA A 241 13.26 9.52 -1.64
CA ALA A 241 14.18 8.75 -0.83
C ALA A 241 13.52 7.48 -0.32
N LEU A 242 12.20 7.51 -0.09
CA LEU A 242 11.45 6.30 0.24
C LEU A 242 11.45 5.40 -0.99
N ALA A 243 11.19 5.97 -2.18
CA ALA A 243 11.21 5.27 -3.45
C ALA A 243 12.55 4.64 -3.77
N ARG A 244 13.65 5.36 -3.54
CA ARG A 244 15.00 4.81 -3.72
C ARG A 244 15.21 3.68 -2.75
N LYS A 245 14.80 3.86 -1.50
CA LYS A 245 14.95 2.81 -0.51
C LYS A 245 14.15 1.55 -0.74
N VAL A 246 12.96 1.65 -1.35
CA VAL A 246 12.17 0.47 -1.66
C VAL A 246 12.77 -0.23 -2.87
N VAL A 247 13.23 0.54 -3.85
CA VAL A 247 13.87 0.00 -5.03
C VAL A 247 15.15 -0.77 -4.70
N ASP A 248 15.92 -0.37 -3.69
CA ASP A 248 17.16 -1.07 -3.36
C ASP A 248 17.03 -2.11 -2.25
N ASN A 249 15.83 -2.23 -1.65
CA ASN A 249 15.58 -3.12 -0.52
C ASN A 249 15.69 -4.64 -0.72
N LYS A 250 16.64 -5.17 0.06
CA LYS A 250 16.89 -6.61 0.09
C LYS A 250 16.85 -7.22 1.50
N LEU A 251 15.84 -6.76 2.26
CA LEU A 251 15.57 -7.18 3.62
C LEU A 251 14.08 -7.43 3.77
N LEU A 252 13.78 -8.58 3.20
CA LEU A 252 12.46 -9.14 3.27
C LEU A 252 12.63 -10.23 4.31
N VAL A 253 11.90 -10.06 5.41
CA VAL A 253 12.05 -10.87 6.59
C VAL A 253 10.79 -11.67 6.88
N ILE A 254 10.88 -12.65 7.78
CA ILE A 254 9.69 -13.34 8.23
C ILE A 254 9.62 -12.89 9.69
N PRO A 255 8.71 -11.95 10.06
CA PRO A 255 8.86 -11.10 11.25
C PRO A 255 8.77 -11.87 12.54
N ASN A 256 9.22 -11.28 13.66
CA ASN A 256 9.18 -11.96 14.95
C ASN A 256 8.45 -11.02 15.90
N PRO A 257 7.12 -11.06 15.88
CA PRO A 257 6.25 -10.16 16.62
C PRO A 257 6.40 -10.19 18.14
N ILE A 258 6.07 -9.07 18.77
CA ILE A 258 6.19 -8.98 20.22
C ILE A 258 4.86 -9.17 20.92
N THR A 259 4.87 -9.53 22.20
CA THR A 259 3.63 -9.69 22.95
C THR A 259 3.12 -8.34 23.39
N MET A 260 1.85 -8.25 23.79
CA MET A 260 1.27 -6.98 24.21
C MET A 260 1.89 -6.44 25.51
N ASP A 261 2.55 -7.35 26.23
CA ASP A 261 3.35 -6.99 27.39
C ASP A 261 4.55 -6.15 26.98
N GLU A 262 5.18 -6.58 25.87
CA GLU A 262 6.34 -5.93 25.28
C GLU A 262 6.03 -4.64 24.55
N LEU A 263 4.89 -4.52 23.84
CA LEU A 263 4.57 -3.29 23.12
C LEU A 263 4.24 -2.16 24.09
N GLU A 264 3.56 -2.53 25.19
CA GLU A 264 3.24 -1.62 26.30
C GLU A 264 4.50 -1.12 26.99
N GLU A 265 5.55 -1.94 27.10
CA GLU A 265 6.86 -1.54 27.65
C GLU A 265 7.54 -0.49 26.79
N LEU A 266 7.54 -0.74 25.48
CA LEU A 266 8.13 0.14 24.49
C LEU A 266 7.44 1.49 24.51
N LEU A 267 6.10 1.43 24.48
CA LEU A 267 5.25 2.61 24.52
C LEU A 267 5.38 3.35 25.83
N MET A 268 5.52 2.63 26.96
CA MET A 268 5.72 3.24 28.28
C MET A 268 7.03 4.00 28.41
N GLU A 269 8.04 3.48 27.69
CA GLU A 269 9.35 4.09 27.63
C GLU A 269 9.28 5.45 26.92
N PHE A 270 8.25 5.64 26.08
CA PHE A 270 8.05 6.85 25.30
C PHE A 270 6.76 7.59 25.72
N GLY A 271 5.57 7.31 25.14
CA GLY A 271 4.33 7.98 25.52
C GLY A 271 3.08 7.07 25.47
N ILE A 272 2.94 6.29 24.54
FE1 FES B . -14.92 -11.19 3.26
S1 FES B . -16.73 -11.58 1.82
FE1 FES C . -10.27 -12.61 7.51
S1 FES C . -12.19 -13.13 6.20
MG MG D . -6.71 4.55 2.05
PG ATP E . -7.85 4.46 5.09
O1G ATP E . -7.82 3.78 6.44
O2G ATP E . -9.22 5.09 4.90
O3G ATP E . -7.64 3.47 3.96
PB ATP E . -5.21 5.63 4.67
O1B ATP E . -4.92 5.05 3.34
O2B ATP E . -4.60 4.79 5.75
O3B ATP E . -6.81 5.76 4.98
PA ATP E . -5.00 8.37 3.86
O1A ATP E . -4.52 8.16 2.47
O2A ATP E . -6.46 8.68 3.92
O3A ATP E . -4.65 7.11 4.83
O5' ATP E . -4.15 9.55 4.49
C5' ATP E . -4.44 9.97 5.84
C4' ATP E . -4.80 11.46 5.91
O4' ATP E . -3.64 12.20 6.43
C3' ATP E . -5.16 12.18 4.61
O3' ATP E . -6.11 13.23 4.84
C2' ATP E . -3.80 12.68 4.12
O2' ATP E . -3.87 13.87 3.34
C1' ATP E . -3.04 12.96 5.40
N9 ATP E . -1.63 12.60 5.33
C8 ATP E . -1.04 11.36 5.14
N7 ATP E . 0.26 11.41 5.12
C5 ATP E . 0.56 12.75 5.33
C6 ATP E . 1.78 13.44 5.42
N6 ATP E . 2.96 12.83 5.31
N1 ATP E . 1.73 14.79 5.63
C2 ATP E . 0.53 15.40 5.74
N3 ATP E . -0.68 14.83 5.67
C4 ATP E . -0.60 13.50 5.46
#